data_6IA0
#
_entry.id   6IA0
#
_entity_poly.entity_id   1
_entity_poly.type   'polydeoxyribonucleotide'
_entity_poly.pdbx_seq_one_letter_code
;(DT)(DT)(DG)(DG)(DG)(DT)(DT)(DA)(DG)(8OG)(DG)(DT)(DT)(DA)(DG)(DG)(DG)(DT)(DT)
(DA)(DG)(DG)(DG)(DA)
;
_entity_poly.pdbx_strand_id   A
#
loop_
_chem_comp.id
_chem_comp.type
_chem_comp.name
_chem_comp.formula
8OG DNA linking 8-OXO-2'-DEOXY-GUANOSINE-5'-MONOPHOSPHATE 'C10 H14 N5 O8 P'
DA DNA linking 2'-DEOXYADENOSINE-5'-MONOPHOSPHATE 'C10 H14 N5 O6 P'
DG DNA linking 2'-DEOXYGUANOSINE-5'-MONOPHOSPHATE 'C10 H14 N5 O7 P'
DT DNA linking THYMIDINE-5'-MONOPHOSPHATE 'C10 H15 N2 O8 P'
#
# COMPACT_ATOMS: atom_id res chain seq x y z
P 8OG A 10 -1.26 -3.97 2.60
OP1 8OG A 10 -1.71 -4.09 4.02
OP2 8OG A 10 -2.08 -4.64 1.55
O5' 8OG A 10 -1.10 -2.40 2.23
C5' 8OG A 10 -0.43 -1.51 3.12
C4' 8OG A 10 -0.44 -0.02 2.72
O4' 8OG A 10 0.55 0.28 1.74
C3' 8OG A 10 -1.79 0.52 2.18
O3' 8OG A 10 -2.26 1.57 3.03
C2' 8OG A 10 -1.39 1.05 0.81
C1' 8OG A 10 0.07 1.41 1.04
N9 8OG A 10 0.85 1.76 -0.17
C8 8OG A 10 1.60 2.89 -0.40
N7 8OG A 10 2.17 2.96 -1.56
C5 8OG A 10 1.77 1.79 -2.19
C6 8OG A 10 2.07 1.29 -3.51
O6 8OG A 10 2.76 1.82 -4.39
N1 8OG A 10 1.45 0.09 -3.79
C2 8OG A 10 0.66 -0.56 -2.89
N2 8OG A 10 0.11 -1.68 -3.26
N3 8OG A 10 0.38 -0.14 -1.67
C4 8OG A 10 0.96 1.05 -1.36
O8 8OG A 10 1.77 3.77 0.43
H5' 8OG A 10 0.62 -1.83 3.23
H5'' 8OG A 10 -0.89 -1.58 4.10
H4' 8OG A 10 -0.19 0.55 3.62
H3' 8OG A 10 -2.53 -0.28 2.10
H2' 8OG A 10 -1.48 0.25 0.08
H2'' 8OG A 10 -1.97 1.92 0.49
H1' 8OG A 10 0.10 2.28 1.71
H7 8OG A 10 2.80 3.70 -1.83
H1 8OG A 10 1.59 -0.32 -4.71
H21 8OG A 10 0.27 -2.10 -4.16
H22 8OG A 10 -0.48 -2.15 -2.59
P 8OG A 10 -1.46 -3.93 2.47
OP1 8OG A 10 -1.96 -4.02 3.86
OP2 8OG A 10 -2.26 -4.58 1.39
O5' 8OG A 10 -1.26 -2.36 2.09
C5' 8OG A 10 -0.60 -1.47 3.00
C4' 8OG A 10 -0.58 0.02 2.60
O4' 8OG A 10 0.45 0.28 1.64
C3' 8OG A 10 -1.90 0.58 2.03
O3' 8OG A 10 -2.38 1.64 2.86
C2' 8OG A 10 -1.46 1.11 0.65
C1' 8OG A 10 0.01 1.42 0.92
N9 8OG A 10 0.82 1.73 -0.29
C8 8OG A 10 1.61 2.83 -0.52
N7 8OG A 10 2.20 2.86 -1.67
C5 8OG A 10 1.79 1.68 -2.29
C6 8OG A 10 2.10 1.14 -3.58
O6 8OG A 10 2.81 1.62 -4.45
N1 8OG A 10 1.44 -0.05 -3.86
C2 8OG A 10 0.61 -0.65 -2.95
N2 8OG A 10 0.01 -1.76 -3.28
N3 8OG A 10 0.33 -0.20 -1.74
C4 8OG A 10 0.94 0.99 -1.45
O8 8OG A 10 1.78 3.73 0.29
H5' 8OG A 10 0.42 -1.81 3.16
H5'' 8OG A 10 -1.12 -1.53 3.96
H4' 8OG A 10 -0.34 0.59 3.49
H3' 8OG A 10 -2.65 -0.20 1.92
H2' 8OG A 10 -1.56 0.31 -0.08
H2'' 8OG A 10 -2.01 1.98 0.33
H1' 8OG A 10 0.05 2.31 1.57
H7 8OG A 10 2.89 3.55 -1.95
H1 8OG A 10 1.58 -0.47 -4.76
H21 8OG A 10 0.17 -2.23 -4.16
H22 8OG A 10 -0.59 -2.17 -2.59
P 8OG A 10 -1.28 -4.11 2.45
OP1 8OG A 10 -1.78 -4.27 3.85
OP2 8OG A 10 -2.04 -4.78 1.36
O5' 8OG A 10 -1.18 -2.52 2.13
C5' 8OG A 10 -0.56 -1.63 3.05
C4' 8OG A 10 -0.55 -0.14 2.64
O4' 8OG A 10 0.47 0.14 1.68
C3' 8OG A 10 -1.88 0.40 2.08
O3' 8OG A 10 -2.38 1.46 2.91
C2' 8OG A 10 -1.45 0.92 0.70
C1' 8OG A 10 0.01 1.27 0.96
N9 8OG A 10 0.81 1.57 -0.26
C8 8OG A 10 1.59 2.67 -0.48
N7 8OG A 10 2.17 2.73 -1.64
C5 8OG A 10 1.77 1.56 -2.26
C6 8OG A 10 2.06 1.03 -3.56
O6 8OG A 10 2.77 1.53 -4.44
N1 8OG A 10 1.43 -0.17 -3.84
C2 8OG A 10 0.63 -0.79 -2.94
N2 8OG A 10 0.07 -1.92 -3.29
N3 8OG A 10 0.35 -0.35 -1.72
C4 8OG A 10 0.93 0.84 -1.42
O8 8OG A 10 1.78 3.57 0.34
H5' 8OG A 10 0.47 -1.94 3.22
H5'' 8OG A 10 -1.08 -1.69 4.00
H4' 8OG A 10 -0.31 0.44 3.55
H3' 8OG A 10 -2.63 -0.39 1.98
H2' 8OG A 10 -1.55 0.11 -0.02
H2'' 8OG A 10 -2.01 1.78 0.36
H1' 8OG A 10 0.03 2.14 1.60
H7 8OG A 10 2.84 3.44 -1.91
H1 8OG A 10 1.56 -0.60 -4.73
H21 8OG A 10 0.25 -2.35 -4.19
H22 8OG A 10 -0.52 -2.38 -2.62
P 8OG A 10 -1.37 -4.14 2.49
OP1 8OG A 10 -1.88 -4.24 3.88
OP2 8OG A 10 -2.11 -4.83 1.41
O5' 8OG A 10 -1.23 -2.57 2.10
C5' 8OG A 10 -0.60 -1.65 3.00
C4' 8OG A 10 -0.57 -0.18 2.54
O4' 8OG A 10 0.46 0.05 1.58
C3' 8OG A 10 -1.88 0.37 1.95
O3' 8OG A 10 -2.35 1.45 2.74
C2' 8OG A 10 -1.43 0.83 0.56
C1' 8OG A 10 0.02 1.17 0.84
N9 8OG A 10 0.85 1.49 -0.37
C8 8OG A 10 1.63 2.59 -0.56
N7 8OG A 10 2.22 2.66 -1.71
C5 8OG A 10 1.82 1.50 -2.36
C6 8OG A 10 2.15 0.99 -3.66
O6 8OG A 10 2.85 1.51 -4.51
N1 8OG A 10 1.52 -0.21 -3.95
C2 8OG A 10 0.71 -0.85 -3.08
N2 8OG A 10 0.17 -1.98 -3.45
N3 8OG A 10 0.40 -0.43 -1.86
C4 8OG A 10 0.98 0.76 -1.55
O8 8OG A 10 1.80 3.48 0.28
H5' 8OG A 10 0.43 -1.97 3.18
H5'' 8OG A 10 -1.13 -1.68 3.95
H4' 8OG A 10 -0.33 0.42 3.42
H3' 8OG A 10 -2.65 -0.42 1.87
H2' 8OG A 10 -1.52 0.01 -0.14
H2'' 8OG A 10 -1.98 1.69 0.19
H1' 8OG A 10 0.04 2.06 1.48
H7 8OG A 10 2.90 3.37 -1.95
H1 8OG A 10 1.67 -0.61 -4.87
H21 8OG A 10 0.35 -2.40 -4.35
H22 8OG A 10 -0.43 -2.45 -2.79
P 8OG A 10 -1.26 -3.91 2.74
OP1 8OG A 10 -1.73 -3.98 4.16
OP2 8OG A 10 -2.08 -4.61 1.71
O5' 8OG A 10 -1.12 -2.35 2.32
C5' 8OG A 10 -0.45 -1.43 3.17
C4' 8OG A 10 -0.48 0.06 2.73
O4' 8OG A 10 0.52 0.33 1.75
C3' 8OG A 10 -1.83 0.55 2.16
O3' 8OG A 10 -2.34 1.61 2.95
C2' 8OG A 10 -1.41 1.05 0.76
C1' 8OG A 10 0.04 1.44 1.02
N9 8OG A 10 0.83 1.78 -0.20
C8 8OG A 10 1.58 2.90 -0.42
N7 8OG A 10 2.17 2.97 -1.57
C5 8OG A 10 1.78 1.79 -2.21
C6 8OG A 10 2.10 1.27 -3.51
O6 8OG A 10 2.79 1.79 -4.38
N1 8OG A 10 1.49 0.06 -3.78
C2 8OG A 10 0.70 -0.58 -2.89
N2 8OG A 10 0.15 -1.71 -3.24
N3 8OG A 10 0.39 -0.15 -1.68
C4 8OG A 10 0.97 1.05 -1.37
O8 8OG A 10 1.74 3.80 0.40
H5' 8OG A 10 0.59 -1.73 3.28
H5'' 8OG A 10 -0.91 -1.46 4.16
H4' 8OG A 10 -0.26 0.66 3.60
H3' 8OG A 10 -2.56 -0.27 2.07
H2' 8OG A 10 -1.49 0.23 0.06
H2'' 8OG A 10 -2.00 1.90 0.41
H1' 8OG A 10 0.04 2.33 1.65
H7 8OG A 10 2.80 3.70 -1.86
H1 8OG A 10 1.64 -0.35 -4.69
H21 8OG A 10 0.31 -2.14 -4.15
H22 8OG A 10 -0.44 -2.17 -2.57
P 8OG A 10 -1.16 -4.04 2.33
OP1 8OG A 10 -1.62 -4.32 3.72
OP2 8OG A 10 -1.86 -4.72 1.21
O5' 8OG A 10 -1.21 -2.44 2.08
C5' 8OG A 10 -0.68 -1.54 3.06
C4' 8OG A 10 -0.74 -0.05 2.68
O4' 8OG A 10 0.27 0.26 1.72
C3' 8OG A 10 -2.09 0.44 2.11
O3' 8OG A 10 -2.63 1.46 2.95
C2' 8OG A 10 -1.68 0.99 0.74
C1' 8OG A 10 -0.22 1.36 0.98
N9 8OG A 10 0.57 1.65 -0.25
C8 8OG A 10 1.35 2.76 -0.50
N7 8OG A 10 1.95 2.78 -1.64
C5 8OG A 10 1.54 1.59 -2.25
C6 8OG A 10 1.84 1.04 -3.54
O6 8OG A 10 2.56 1.53 -4.41
N1 8OG A 10 1.20 -0.15 -3.80
C2 8OG A 10 0.40 -0.78 -2.88
N2 8OG A 10 -0.16 -1.91 -3.22
N3 8OG A 10 0.12 -0.31 -1.66
C4 8OG A 10 0.70 0.88 -1.40
O8 8OG A 10 1.51 3.68 0.30
H5' 8OG A 10 0.36 -1.80 3.26
H5'' 8OG A 10 -1.25 -1.66 3.97
H4' 8OG A 10 -0.53 0.52 3.57
H3' 8OG A 10 -2.79 -0.39 1.99
H2' 8OG A 10 -1.76 0.19 0.00
H2'' 8OG A 10 -2.26 1.85 0.42
H1' 8OG A 10 -0.21 2.26 1.61
H7 8OG A 10 2.58 3.51 -1.96
H1 8OG A 10 1.33 -0.60 -4.69
H21 8OG A 10 0.02 -2.36 -4.10
H22 8OG A 10 -0.75 -2.35 -2.53
P 8OG A 10 -1.13 -4.13 2.38
OP1 8OG A 10 -1.55 -4.41 3.77
OP2 8OG A 10 -1.82 -4.85 1.27
O5' 8OG A 10 -1.22 -2.53 2.11
C5' 8OG A 10 -0.71 -1.61 3.05
C4' 8OG A 10 -0.76 -0.13 2.63
O4' 8OG A 10 0.25 0.15 1.65
C3' 8OG A 10 -2.11 0.35 2.05
O3' 8OG A 10 -2.64 1.40 2.86
C2' 8OG A 10 -1.71 0.85 0.66
C1' 8OG A 10 -0.24 1.23 0.89
N9 8OG A 10 0.55 1.48 -0.35
C8 8OG A 10 1.36 2.57 -0.59
N7 8OG A 10 1.94 2.58 -1.74
C5 8OG A 10 1.50 1.40 -2.36
C6 8OG A 10 1.78 0.85 -3.65
O6 8OG A 10 2.50 1.33 -4.53
N1 8OG A 10 1.13 -0.34 -3.90
C2 8OG A 10 0.32 -0.94 -2.99
N2 8OG A 10 -0.26 -2.07 -3.31
N3 8OG A 10 0.05 -0.47 -1.77
C4 8OG A 10 0.66 0.71 -1.50
O8 8OG A 10 1.55 3.49 0.20
H5' 8OG A 10 0.32 -1.86 3.28
H5'' 8OG A 10 -1.29 -1.71 3.98
H4' 8OG A 10 -0.54 0.47 3.51
H3' 8OG A 10 -2.82 -0.48 1.98
H2' 8OG A 10 -1.80 0.03 -0.05
H2'' 8OG A 10 -2.29 1.70 0.32
H1' 8OG A 10 -0.22 2.14 1.48
H7 8OG A 10 2.61 3.28 -2.05
H1 8OG A 10 1.25 -0.78 -4.79
H21 8OG A 10 -0.06 -2.53 -4.20
H22 8OG A 10 -0.84 -2.51 -2.64
P 8OG A 10 -1.26 -4.11 2.47
OP1 8OG A 10 -1.75 -4.28 3.86
OP2 8OG A 10 -2.01 -4.78 1.37
O5' 8OG A 10 -1.17 -2.52 2.14
C5' 8OG A 10 -0.55 -1.63 3.06
C4' 8OG A 10 -0.55 -0.14 2.65
O4' 8OG A 10 0.46 0.14 1.68
C3' 8OG A 10 -1.88 0.40 2.09
O3' 8OG A 10 -2.37 1.46 2.91
C2' 8OG A 10 -1.45 0.91 0.70
C1' 8OG A 10 0.01 1.26 0.96
N9 8OG A 10 0.81 1.57 -0.25
C8 8OG A 10 1.59 2.68 -0.48
N7 8OG A 10 2.18 2.73 -1.63
C5 8OG A 10 1.77 1.56 -2.26
C6 8OG A 10 2.06 1.03 -3.56
O6 8OG A 10 2.78 1.54 -4.43
N1 8OG A 10 1.43 -0.17 -3.83
C2 8OG A 10 0.63 -0.79 -2.94
N2 8OG A 10 0.07 -1.92 -3.29
N3 8OG A 10 0.35 -0.36 -1.71
C4 8OG A 10 0.93 0.84 -1.42
O8 8OG A 10 1.77 3.58 0.34
H5' 8OG A 10 0.48 -1.94 3.23
H5'' 8OG A 10 -1.07 -1.70 4.01
H4' 8OG A 10 -0.31 0.44 3.55
H3' 8OG A 10 -2.62 -0.40 1.98
H2' 8OG A 10 -1.55 0.10 -0.02
H2'' 8OG A 10 -2.02 1.78 0.37
H1' 8OG A 10 0.03 2.15 1.61
H7 8OG A 10 2.83 3.44 -1.90
H1 8OG A 10 1.56 -0.60 -4.73
H21 8OG A 10 0.25 -2.35 -4.18
H22 8OG A 10 -0.52 -2.38 -2.62
P 8OG A 10 -1.26 -4.12 2.42
OP1 8OG A 10 -1.74 -4.29 3.82
OP2 8OG A 10 -2.02 -4.78 1.33
O5' 8OG A 10 -1.17 -2.53 2.10
C5' 8OG A 10 -0.55 -1.65 3.03
C4' 8OG A 10 -0.56 -0.15 2.63
O4' 8OG A 10 0.47 0.13 1.66
C3' 8OG A 10 -1.88 0.39 2.07
O3' 8OG A 10 -2.37 1.44 2.90
C2' 8OG A 10 -1.46 0.92 0.70
C1' 8OG A 10 0.01 1.26 0.95
N9 8OG A 10 0.80 1.57 -0.27
C8 8OG A 10 1.59 2.68 -0.49
N7 8OG A 10 2.16 2.73 -1.64
C5 8OG A 10 1.75 1.57 -2.27
C6 8OG A 10 2.05 1.05 -3.59
O6 8OG A 10 2.76 1.56 -4.45
N1 8OG A 10 1.41 -0.16 -3.85
C2 8OG A 10 0.62 -0.78 -2.96
N2 8OG A 10 0.06 -1.90 -3.32
N3 8OG A 10 0.34 -0.34 -1.74
C4 8OG A 10 0.92 0.84 -1.44
O8 8OG A 10 1.76 3.58 0.34
H5' 8OG A 10 0.48 -1.95 3.20
H5'' 8OG A 10 -1.08 -1.71 3.99
H4' 8OG A 10 -0.31 0.42 3.53
H3' 8OG A 10 -2.63 -0.41 1.97
H2' 8OG A 10 -1.56 0.11 -0.04
H2'' 8OG A 10 -2.02 1.78 0.37
H1' 8OG A 10 0.03 2.14 1.60
H7 8OG A 10 2.82 3.45 -1.92
H1 8OG A 10 1.54 -0.58 -4.75
H21 8OG A 10 0.24 -2.32 -4.22
H22 8OG A 10 -0.53 -2.37 -2.66
P 8OG A 10 -1.21 -3.97 2.66
OP1 8OG A 10 -1.65 -4.07 4.07
OP2 8OG A 10 -2.04 -4.64 1.61
O5' 8OG A 10 -1.07 -2.39 2.26
C5' 8OG A 10 -0.41 -1.48 3.14
C4' 8OG A 10 -0.43 0.01 2.72
O4' 8OG A 10 0.57 0.29 1.73
C3' 8OG A 10 -1.78 0.52 2.17
O3' 8OG A 10 -2.28 1.56 2.99
C2' 8OG A 10 -1.38 1.03 0.78
C1' 8OG A 10 0.08 1.42 1.03
N9 8OG A 10 0.87 1.76 -0.20
C8 8OG A 10 1.60 2.89 -0.42
N7 8OG A 10 2.18 2.97 -1.58
C5 8OG A 10 1.79 1.78 -2.21
C6 8OG A 10 2.09 1.28 -3.53
O6 8OG A 10 2.76 1.81 -4.41
N1 8OG A 10 1.49 0.06 -3.79
C2 8OG A 10 0.71 -0.58 -2.89
N2 8OG A 10 0.16 -1.71 -3.25
N3 8OG A 10 0.43 -0.16 -1.66
C4 8OG A 10 0.99 1.04 -1.37
O8 8OG A 10 1.75 3.80 0.40
H5' 8OG A 10 0.64 -1.79 3.25
H5'' 8OG A 10 -0.87 -1.54 4.13
H4' 8OG A 10 -0.19 0.59 3.61
H3' 8OG A 10 -2.51 -0.30 2.08
H2' 8OG A 10 -1.45 0.23 0.05
H2'' 8OG A 10 -1.96 1.90 0.45
H1' 8OG A 10 0.10 2.29 1.69
H7 8OG A 10 2.81 3.70 -1.87
H1 8OG A 10 1.62 -0.35 -4.71
H21 8OG A 10 0.31 -2.13 -4.16
H22 8OG A 10 -0.42 -2.18 -2.57
P 8OG A 10 -1.15 -4.04 2.38
OP1 8OG A 10 -1.62 -4.30 3.78
OP2 8OG A 10 -1.87 -4.73 1.27
O5' 8OG A 10 -1.18 -2.44 2.11
C5' 8OG A 10 -0.64 -1.53 3.07
C4' 8OG A 10 -0.69 -0.05 2.68
O4' 8OG A 10 0.31 0.26 1.72
C3' 8OG A 10 -2.05 0.44 2.11
O3' 8OG A 10 -2.58 1.46 2.94
C2' 8OG A 10 -1.63 0.98 0.73
C1' 8OG A 10 -0.18 1.36 0.98
N9 8OG A 10 0.62 1.64 -0.25
C8 8OG A 10 1.39 2.75 -0.49
N7 8OG A 10 1.99 2.78 -1.64
C5 8OG A 10 1.58 1.59 -2.25
C6 8OG A 10 1.88 1.04 -3.55
O6 8OG A 10 2.59 1.53 -4.42
N1 8OG A 10 1.25 -0.16 -3.79
C2 8OG A 10 0.45 -0.78 -2.88
N2 8OG A 10 -0.12 -1.91 -3.21
N3 8OG A 10 0.17 -0.32 -1.67
C4 8OG A 10 0.75 0.88 -1.40
O8 8OG A 10 1.56 3.67 0.30
H5' 8OG A 10 0.41 -1.80 3.27
H5'' 8OG A 10 -1.19 -1.65 4.01
H4' 8OG A 10 -0.48 0.53 3.58
H3' 8OG A 10 -2.75 -0.40 2.00
H2' 8OG A 10 -1.71 0.17 0.01
H2'' 8OG A 10 -2.22 1.83 0.41
H1' 8OG A 10 -0.17 2.26 1.60
H7 8OG A 10 2.63 3.49 -1.95
H1 8OG A 10 1.37 -0.60 -4.69
H21 8OG A 10 0.07 -2.36 -4.09
H22 8OG A 10 -0.70 -2.36 -2.54
P 8OG A 10 -1.21 -3.96 2.65
OP1 8OG A 10 -1.65 -4.05 4.07
OP2 8OG A 10 -2.03 -4.63 1.61
O5' 8OG A 10 -1.06 -2.38 2.27
C5' 8OG A 10 -0.39 -1.48 3.13
C4' 8OG A 10 -0.42 0.01 2.71
O4' 8OG A 10 0.57 0.30 1.73
C3' 8OG A 10 -1.77 0.52 2.16
O3' 8OG A 10 -2.27 1.58 2.99
C2' 8OG A 10 -1.37 1.05 0.78
C1' 8OG A 10 0.10 1.43 1.02
N9 8OG A 10 0.87 1.76 -0.20
C8 8OG A 10 1.61 2.89 -0.44
N7 8OG A 10 2.19 2.96 -1.58
C5 8OG A 10 1.80 1.78 -2.22
C6 8OG A 10 2.10 1.27 -3.52
O6 8OG A 10 2.77 1.79 -4.41
N1 8OG A 10 1.50 0.05 -3.79
C2 8OG A 10 0.72 -0.59 -2.89
N2 8OG A 10 0.16 -1.72 -3.24
N3 8OG A 10 0.44 -0.17 -1.67
C4 8OG A 10 1.00 1.04 -1.38
O8 8OG A 10 1.76 3.79 0.39
H5' 8OG A 10 0.65 -1.78 3.25
H5'' 8OG A 10 -0.87 -1.54 4.11
H4' 8OG A 10 -0.19 0.59 3.60
H3' 8OG A 10 -2.50 -0.28 2.07
H2' 8OG A 10 -1.45 0.23 0.05
H2'' 8OG A 10 -1.95 1.90 0.45
H1' 8OG A 10 0.10 2.30 1.68
H7 8OG A 10 2.81 3.70 -1.88
H1 8OG A 10 1.62 -0.36 -4.70
H21 8OG A 10 0.31 -2.14 -4.15
H22 8OG A 10 -0.41 -2.19 -2.56
#